data_6PRO
#
_entry.id   6PRO
#
_cell.length_a   72.200
_cell.length_b   111.100
_cell.length_c   51.100
_cell.angle_alpha   90.000
_cell.angle_beta   90.000
_cell.angle_gamma   90.000
#
_symmetry.space_group_name_H-M   'P 21 21 2'
#
loop_
_entity.id
_entity.type
_entity.pdbx_description
1 polymer 'Superoxide dismutase'
2 non-polymer 'MANGANESE (II) ION'
3 water water
#
_entity_poly.entity_id   1
_entity_poly.type   'polypeptide(L)'
_entity_poly.pdbx_seq_one_letter_code
;PFELPALPYPYDALEPHIDKETMNIHHTKHHNTYVTNLNAALEGHPDLQNKSLEELLSNLEALPESIRTAVRNNGGGHAN
HSLFWTILSPNGGGEPTGELADAINKKFGSFTAFKDEFSKAAAGRFGSGWAWLVVNNGELEITSTPNQDSPIMEGKTPIL
GLDVWEHAYYLKYQNRRPEYIAAFWNVVNWDEVAKRYSEAKA
;
_entity_poly.pdbx_strand_id   A,B
#
# COMPACT_ATOMS: atom_id res chain seq x y z
N PRO A 1 -28.43 6.45 -2.86
CA PRO A 1 -26.98 6.48 -2.61
C PRO A 1 -26.24 5.27 -3.17
N PHE A 2 -24.95 5.20 -2.92
CA PHE A 2 -24.14 4.11 -3.46
C PHE A 2 -24.33 2.85 -2.65
N GLU A 3 -24.30 1.70 -3.34
CA GLU A 3 -24.59 0.41 -2.73
C GLU A 3 -23.50 -0.59 -3.06
N LEU A 4 -23.23 -1.47 -2.12
CA LEU A 4 -22.31 -2.58 -2.35
C LEU A 4 -22.93 -3.56 -3.33
N PRO A 5 -22.30 -3.82 -4.48
CA PRO A 5 -22.88 -4.78 -5.43
C PRO A 5 -22.70 -6.21 -4.94
N ALA A 6 -23.70 -7.04 -5.22
CA ALA A 6 -23.58 -8.48 -4.97
C ALA A 6 -22.63 -9.10 -5.97
N LEU A 7 -21.88 -10.12 -5.53
CA LEU A 7 -21.01 -10.85 -6.43
C LEU A 7 -21.84 -11.75 -7.34
N PRO A 8 -21.45 -11.89 -8.61
CA PRO A 8 -22.16 -12.81 -9.51
C PRO A 8 -21.82 -14.28 -9.32
N TYR A 9 -20.94 -14.62 -8.39
CA TYR A 9 -20.51 -16.00 -8.19
C TYR A 9 -20.28 -16.22 -6.70
N PRO A 10 -20.31 -17.48 -6.24
CA PRO A 10 -20.01 -17.75 -4.83
C PRO A 10 -18.59 -17.32 -4.48
N TYR A 11 -18.35 -17.17 -3.18
CA TYR A 11 -17.07 -16.66 -2.70
C TYR A 11 -15.93 -17.65 -2.91
N ASP A 12 -16.25 -18.94 -3.09
CA ASP A 12 -15.24 -19.96 -3.35
C ASP A 12 -15.13 -20.31 -4.82
N ALA A 13 -15.85 -19.61 -5.70
CA ALA A 13 -15.87 -19.97 -7.11
C ALA A 13 -14.52 -19.80 -7.78
N LEU A 14 -13.64 -18.97 -7.24
CA LEU A 14 -12.36 -18.66 -7.88
C LEU A 14 -11.21 -19.51 -7.34
N GLU A 15 -11.49 -20.47 -6.45
CA GLU A 15 -10.45 -21.36 -5.97
C GLU A 15 -9.92 -22.22 -7.13
N PRO A 16 -8.64 -22.61 -7.09
CA PRO A 16 -7.62 -22.29 -6.09
C PRO A 16 -6.83 -21.02 -6.39
N HIS A 17 -7.32 -20.20 -7.31
CA HIS A 17 -6.56 -19.05 -7.78
C HIS A 17 -6.69 -17.87 -6.83
N ILE A 18 -7.87 -17.65 -6.26
CA ILE A 18 -8.06 -16.68 -5.19
C ILE A 18 -8.86 -17.38 -4.10
N ASP A 19 -8.36 -17.34 -2.87
CA ASP A 19 -8.99 -18.05 -1.76
C ASP A 19 -10.31 -17.39 -1.36
N LYS A 20 -11.25 -18.21 -0.88
CA LYS A 20 -12.57 -17.71 -0.55
C LYS A 20 -12.54 -16.77 0.65
N GLU A 21 -11.65 -17.01 1.61
CA GLU A 21 -11.53 -16.09 2.75
C GLU A 21 -11.21 -14.69 2.28
N THR A 22 -10.25 -14.56 1.35
CA THR A 22 -9.91 -13.25 0.79
C THR A 22 -11.12 -12.65 0.07
N MET A 23 -11.80 -13.45 -0.76
CA MET A 23 -12.97 -12.94 -1.48
C MET A 23 -13.99 -12.37 -0.51
N ASN A 24 -14.23 -13.04 0.61
CA ASN A 24 -15.25 -12.60 1.54
C ASN A 24 -14.83 -11.31 2.24
N ILE A 25 -13.57 -11.25 2.70
CA ILE A 25 -13.10 -10.06 3.41
C ILE A 25 -12.96 -8.88 2.44
N HIS A 26 -12.37 -9.12 1.27
CA HIS A 26 -12.21 -8.08 0.28
C HIS A 26 -13.54 -7.41 -0.04
N HIS A 27 -14.61 -8.21 -0.11
CA HIS A 27 -15.90 -7.70 -0.55
C HIS A 27 -16.70 -7.09 0.60
N THR A 28 -16.97 -7.89 1.64
CA THR A 28 -17.88 -7.47 2.70
C THR A 28 -17.27 -6.44 3.64
N LYS A 29 -15.94 -6.28 3.68
CA LYS A 29 -15.31 -5.35 4.60
C LYS A 29 -14.46 -4.29 3.90
N HIS A 30 -13.54 -4.67 3.02
CA HIS A 30 -12.76 -3.66 2.32
C HIS A 30 -13.67 -2.84 1.41
N HIS A 31 -14.33 -3.48 0.46
CA HIS A 31 -15.15 -2.75 -0.51
C HIS A 31 -16.29 -2.01 0.18
N ASN A 32 -16.98 -2.67 1.10
CA ASN A 32 -18.13 -2.03 1.73
C ASN A 32 -17.73 -0.84 2.60
N THR A 33 -16.52 -0.85 3.17
CA THR A 33 -16.02 0.35 3.85
C THR A 33 -15.90 1.52 2.88
N TYR A 34 -15.35 1.30 1.69
CA TYR A 34 -15.27 2.37 0.70
C TYR A 34 -16.66 2.93 0.38
N VAL A 35 -17.68 2.07 0.31
CA VAL A 35 -19.02 2.52 -0.04
C VAL A 35 -19.61 3.37 1.09
N THR A 36 -19.53 2.88 2.33
CA THR A 36 -20.10 3.63 3.45
C THR A 36 -19.42 5.00 3.58
N ASN A 37 -18.08 5.03 3.50
CA ASN A 37 -17.36 6.29 3.62
C ASN A 37 -17.67 7.22 2.46
N LEU A 38 -17.75 6.68 1.23
CA LEU A 38 -18.19 7.49 0.10
C LEU A 38 -19.54 8.14 0.40
N ASN A 39 -20.52 7.35 0.85
CA ASN A 39 -21.83 7.89 1.16
C ASN A 39 -21.76 8.91 2.29
N ALA A 40 -20.96 8.61 3.32
CA ALA A 40 -20.82 9.55 4.44
C ALA A 40 -20.30 10.90 3.95
N ALA A 41 -19.38 10.88 2.98
CA ALA A 41 -18.75 12.12 2.52
C ALA A 41 -19.77 13.04 1.83
N LEU A 42 -20.75 12.46 1.15
CA LEU A 42 -21.71 13.25 0.39
C LEU A 42 -22.99 13.52 1.14
N GLU A 43 -23.09 13.10 2.40
CA GLU A 43 -24.36 13.22 3.13
C GLU A 43 -24.82 14.67 3.23
N GLY A 44 -23.88 15.62 3.28
CA GLY A 44 -24.24 17.01 3.43
C GLY A 44 -24.42 17.77 2.15
N HIS A 45 -24.41 17.09 1.00
CA HIS A 45 -24.40 17.74 -0.30
C HIS A 45 -25.41 17.06 -1.22
N PRO A 46 -26.69 17.42 -1.11
CA PRO A 46 -27.67 16.95 -2.12
C PRO A 46 -27.27 17.35 -3.53
N ASP A 47 -26.44 18.40 -3.67
CA ASP A 47 -25.86 18.74 -4.96
C ASP A 47 -25.33 17.49 -5.67
N LEU A 48 -24.63 16.63 -4.94
CA LEU A 48 -23.83 15.57 -5.52
C LEU A 48 -24.45 14.19 -5.37
N GLN A 49 -25.50 14.05 -4.57
CA GLN A 49 -26.07 12.73 -4.30
C GLN A 49 -26.80 12.13 -5.48
N ASN A 50 -26.93 12.87 -6.59
CA ASN A 50 -27.59 12.35 -7.78
C ASN A 50 -26.63 12.22 -8.96
N LYS A 51 -25.32 12.25 -8.71
CA LYS A 51 -24.32 12.16 -9.75
C LYS A 51 -23.70 10.77 -9.77
N SER A 52 -23.32 10.31 -10.95
CA SER A 52 -22.67 9.03 -11.08
C SER A 52 -21.22 9.12 -10.57
N LEU A 53 -20.67 7.96 -10.22
CA LEU A 53 -19.28 7.90 -9.80
C LEU A 53 -18.37 8.50 -10.88
N GLU A 54 -18.62 8.17 -12.14
CA GLU A 54 -17.82 8.70 -13.23
C GLU A 54 -17.85 10.23 -13.24
N GLU A 55 -19.03 10.81 -13.04
CA GLU A 55 -19.15 12.26 -13.04
C GLU A 55 -18.36 12.89 -11.90
N LEU A 56 -18.41 12.29 -10.71
CA LEU A 56 -17.71 12.84 -9.56
C LEU A 56 -16.21 12.80 -9.77
N LEU A 57 -15.69 11.65 -10.23
CA LEU A 57 -14.25 11.49 -10.38
C LEU A 57 -13.68 12.27 -11.57
N SER A 58 -14.53 12.67 -12.52
CA SER A 58 -14.08 13.52 -13.61
C SER A 58 -14.08 14.98 -13.22
N ASN A 59 -14.76 15.34 -12.14
CA ASN A 59 -14.92 16.73 -11.72
C ASN A 59 -14.41 16.91 -10.29
N LEU A 60 -13.35 16.19 -9.93
CA LEU A 60 -12.77 16.30 -8.60
C LEU A 60 -12.39 17.75 -8.28
N GLU A 61 -11.93 18.49 -9.28
CA GLU A 61 -11.56 19.89 -9.06
C GLU A 61 -12.72 20.69 -8.46
N ALA A 62 -13.95 20.37 -8.87
CA ALA A 62 -15.10 21.20 -8.53
C ALA A 62 -15.66 20.90 -7.14
N LEU A 63 -15.38 19.73 -6.58
CA LEU A 63 -15.97 19.37 -5.31
C LEU A 63 -15.33 20.17 -4.17
N PRO A 64 -16.08 20.45 -3.11
CA PRO A 64 -15.50 21.22 -2.00
C PRO A 64 -14.27 20.54 -1.45
N GLU A 65 -13.27 21.36 -1.08
CA GLU A 65 -12.00 20.82 -0.59
C GLU A 65 -12.17 19.92 0.64
N SER A 66 -13.28 20.06 1.38
CA SER A 66 -13.46 19.26 2.59
C SER A 66 -13.74 17.80 2.29
N ILE A 67 -14.23 17.47 1.11
CA ILE A 67 -14.54 16.09 0.75
C ILE A 67 -13.76 15.59 -0.45
N ARG A 68 -13.00 16.45 -1.12
CA ARG A 68 -12.31 16.06 -2.34
C ARG A 68 -11.49 14.79 -2.14
N THR A 69 -10.69 14.74 -1.08
CA THR A 69 -9.84 13.57 -0.85
C THR A 69 -10.68 12.35 -0.52
N ALA A 70 -11.74 12.52 0.26
CA ALA A 70 -12.60 11.40 0.60
C ALA A 70 -13.23 10.78 -0.65
N VAL A 71 -13.80 11.62 -1.51
CA VAL A 71 -14.38 11.12 -2.75
C VAL A 71 -13.31 10.46 -3.61
N ARG A 72 -12.14 11.09 -3.70
CA ARG A 72 -11.05 10.51 -4.47
C ARG A 72 -10.75 9.09 -4.00
N ASN A 73 -10.52 8.93 -2.69
CA ASN A 73 -10.09 7.64 -2.16
C ASN A 73 -11.24 6.64 -2.09
N ASN A 74 -12.38 7.05 -1.55
CA ASN A 74 -13.48 6.13 -1.38
C ASN A 74 -14.30 5.96 -2.66
N GLY A 75 -14.43 7.03 -3.44
CA GLY A 75 -15.04 6.88 -4.75
C GLY A 75 -14.20 6.03 -5.67
N GLY A 76 -12.88 6.27 -5.68
CA GLY A 76 -11.99 5.41 -6.44
C GLY A 76 -12.07 3.96 -5.97
N GLY A 77 -12.06 3.76 -4.65
CA GLY A 77 -12.19 2.42 -4.14
C GLY A 77 -13.47 1.74 -4.62
N HIS A 78 -14.59 2.46 -4.59
CA HIS A 78 -15.84 1.88 -5.04
C HIS A 78 -15.79 1.55 -6.54
N ALA A 79 -15.36 2.51 -7.35
CA ALA A 79 -15.28 2.30 -8.80
C ALA A 79 -14.34 1.14 -9.15
N ASN A 80 -13.17 1.07 -8.51
CA ASN A 80 -12.19 0.06 -8.90
C ASN A 80 -12.68 -1.34 -8.53
N HIS A 81 -13.20 -1.51 -7.31
CA HIS A 81 -13.58 -2.84 -6.87
C HIS A 81 -14.86 -3.31 -7.55
N SER A 82 -15.77 -2.39 -7.87
CA SER A 82 -16.97 -2.79 -8.62
C SER A 82 -16.60 -3.39 -9.98
N LEU A 83 -15.64 -2.77 -10.67
CA LEU A 83 -15.15 -3.35 -11.93
C LEU A 83 -14.46 -4.68 -11.68
N PHE A 84 -13.62 -4.74 -10.65
CA PHE A 84 -12.81 -5.94 -10.39
C PHE A 84 -13.68 -7.19 -10.36
N TRP A 85 -14.80 -7.13 -9.64
CA TRP A 85 -15.60 -8.34 -9.47
C TRP A 85 -16.12 -8.84 -10.80
N THR A 86 -16.56 -7.92 -11.67
CA THR A 86 -17.22 -8.33 -12.91
C THR A 86 -16.25 -8.97 -13.89
N ILE A 87 -14.97 -8.59 -13.86
CA ILE A 87 -13.99 -9.16 -14.78
C ILE A 87 -13.38 -10.46 -14.28
N LEU A 88 -13.83 -10.99 -13.15
CA LEU A 88 -13.48 -12.32 -12.69
C LEU A 88 -14.61 -13.27 -13.01
N SER A 89 -14.27 -14.54 -13.15
CA SER A 89 -15.29 -15.56 -13.41
C SER A 89 -14.73 -16.96 -13.18
N PRO A 90 -15.50 -17.85 -12.54
CA PRO A 90 -15.06 -19.25 -12.47
C PRO A 90 -14.95 -19.92 -13.83
N ASN A 91 -15.63 -19.40 -14.85
CA ASN A 91 -15.57 -19.92 -16.20
C ASN A 91 -14.63 -19.11 -17.09
N GLY A 92 -13.78 -18.28 -16.49
CA GLY A 92 -12.90 -17.41 -17.23
C GLY A 92 -11.60 -18.09 -17.65
N GLY A 93 -10.63 -17.25 -17.99
CA GLY A 93 -9.37 -17.74 -18.52
C GLY A 93 -9.35 -17.74 -20.04
N GLY A 94 -8.36 -18.43 -20.56
CA GLY A 94 -8.22 -18.48 -22.00
C GLY A 94 -7.78 -17.15 -22.58
N GLU A 95 -8.09 -16.95 -23.85
CA GLU A 95 -7.69 -15.78 -24.61
C GLU A 95 -8.91 -14.98 -25.03
N PRO A 96 -8.72 -13.70 -25.33
CA PRO A 96 -9.83 -12.91 -25.90
C PRO A 96 -10.09 -13.33 -27.33
N THR A 97 -11.23 -12.87 -27.86
CA THR A 97 -11.63 -13.19 -29.21
C THR A 97 -12.19 -11.96 -29.90
N GLY A 98 -12.40 -12.07 -31.21
CA GLY A 98 -13.11 -11.05 -31.95
C GLY A 98 -12.39 -9.71 -31.96
N GLU A 99 -13.19 -8.65 -31.91
CA GLU A 99 -12.65 -7.30 -32.04
C GLU A 99 -11.61 -7.00 -30.98
N LEU A 100 -11.84 -7.44 -29.74
CA LEU A 100 -10.92 -7.13 -28.66
C LEU A 100 -9.55 -7.77 -28.89
N ALA A 101 -9.54 -9.07 -29.19
CA ALA A 101 -8.27 -9.73 -29.50
C ALA A 101 -7.55 -9.03 -30.65
N ASP A 102 -8.31 -8.59 -31.66
CA ASP A 102 -7.73 -7.87 -32.78
C ASP A 102 -7.09 -6.56 -32.32
N ALA A 103 -7.76 -5.84 -31.42
CA ALA A 103 -7.19 -4.60 -30.90
C ALA A 103 -5.91 -4.89 -30.10
N ILE A 104 -5.94 -5.91 -29.25
CA ILE A 104 -4.77 -6.25 -28.45
C ILE A 104 -3.60 -6.62 -29.35
N ASN A 105 -3.87 -7.40 -30.41
CA ASN A 105 -2.79 -7.85 -31.27
C ASN A 105 -2.13 -6.67 -31.99
N LYS A 106 -2.90 -5.62 -32.30
CA LYS A 106 -2.34 -4.51 -33.05
C LYS A 106 -1.48 -3.60 -32.18
N LYS A 107 -1.90 -3.37 -30.93
CA LYS A 107 -1.15 -2.45 -30.06
C LYS A 107 0.06 -3.14 -29.42
N PHE A 108 -0.09 -4.38 -28.98
CA PHE A 108 0.95 -5.10 -28.27
C PHE A 108 1.60 -6.22 -29.09
N GLY A 109 1.13 -6.46 -30.32
CA GLY A 109 1.72 -7.45 -31.19
C GLY A 109 1.21 -8.85 -30.98
N SER A 110 0.89 -9.23 -29.75
CA SER A 110 0.38 -10.57 -29.47
C SER A 110 -0.31 -10.55 -28.11
N PHE A 111 -1.15 -11.56 -27.89
CA PHE A 111 -1.74 -11.74 -26.57
C PHE A 111 -0.67 -12.09 -25.53
N THR A 112 0.31 -12.90 -25.92
CA THR A 112 1.41 -13.22 -25.02
C THR A 112 2.14 -11.96 -24.57
N ALA A 113 2.47 -11.08 -25.52
CA ALA A 113 3.21 -9.87 -25.18
C ALA A 113 2.36 -8.93 -24.33
N PHE A 114 1.04 -8.93 -24.53
CA PHE A 114 0.17 -8.12 -23.67
C PHE A 114 0.22 -8.63 -22.24
N LYS A 115 0.11 -9.95 -22.06
CA LYS A 115 0.20 -10.52 -20.71
C LYS A 115 1.52 -10.14 -20.04
N ASP A 116 2.63 -10.20 -20.78
CA ASP A 116 3.92 -9.84 -20.19
C ASP A 116 3.92 -8.38 -19.75
N GLU A 117 3.49 -7.48 -20.63
CA GLU A 117 3.48 -6.05 -20.28
C GLU A 117 2.58 -5.81 -19.09
N PHE A 118 1.36 -6.39 -19.11
CA PHE A 118 0.42 -6.19 -18.01
C PHE A 118 0.98 -6.77 -16.71
N SER A 119 1.60 -7.95 -16.79
CA SER A 119 2.16 -8.56 -15.59
C SER A 119 3.33 -7.73 -15.05
N LYS A 120 4.18 -7.21 -15.96
CA LYS A 120 5.29 -6.37 -15.54
C LYS A 120 4.77 -5.12 -14.83
N ALA A 121 3.77 -4.47 -15.41
CA ALA A 121 3.21 -3.27 -14.80
C ALA A 121 2.66 -3.58 -13.41
N ALA A 122 1.92 -4.69 -13.27
CA ALA A 122 1.33 -5.04 -11.99
C ALA A 122 2.41 -5.33 -10.95
N ALA A 123 3.50 -6.01 -11.37
CA ALA A 123 4.57 -6.30 -10.44
C ALA A 123 5.39 -5.05 -10.09
N GLY A 124 5.41 -4.05 -10.97
CA GLY A 124 6.22 -2.87 -10.75
C GLY A 124 5.60 -1.77 -9.92
N ARG A 125 4.31 -1.86 -9.61
CA ARG A 125 3.61 -0.83 -8.84
C ARG A 125 4.04 -0.96 -7.38
N PHE A 126 4.97 -0.11 -6.95
CA PHE A 126 5.46 -0.15 -5.58
C PHE A 126 4.38 0.32 -4.61
N GLY A 127 4.24 -0.40 -3.50
CA GLY A 127 3.21 -0.05 -2.54
C GLY A 127 1.84 -0.51 -3.03
N SER A 128 0.81 0.21 -2.60
CA SER A 128 -0.56 -0.10 -2.97
C SER A 128 -0.93 0.56 -4.31
N GLY A 129 -1.74 -0.13 -5.10
CA GLY A 129 -2.16 0.43 -6.37
C GLY A 129 -2.89 -0.59 -7.20
N TRP A 130 -3.09 -0.23 -8.47
CA TRP A 130 -3.81 -1.05 -9.43
C TRP A 130 -3.08 -1.05 -10.76
N ALA A 131 -3.22 -2.14 -11.51
CA ALA A 131 -2.74 -2.24 -12.88
C ALA A 131 -3.94 -2.33 -13.81
N TRP A 132 -3.88 -1.58 -14.92
CA TRP A 132 -5.04 -1.41 -15.78
C TRP A 132 -4.73 -1.63 -17.25
N LEU A 133 -5.73 -2.14 -17.97
CA LEU A 133 -5.86 -1.98 -19.40
C LEU A 133 -7.02 -1.00 -19.59
N VAL A 134 -6.76 0.12 -20.27
CA VAL A 134 -7.75 1.17 -20.40
C VAL A 134 -7.93 1.50 -21.87
N VAL A 135 -9.06 2.17 -22.17
CA VAL A 135 -9.33 2.75 -23.48
C VAL A 135 -9.19 4.26 -23.33
N ASN A 136 -8.24 4.84 -24.06
CA ASN A 136 -7.93 6.26 -23.98
C ASN A 136 -8.17 6.87 -25.36
N ASN A 137 -9.33 7.50 -25.53
CA ASN A 137 -9.71 8.10 -26.80
C ASN A 137 -9.54 7.08 -27.94
N GLY A 138 -10.12 5.90 -27.75
CA GLY A 138 -10.15 4.87 -28.77
C GLY A 138 -8.93 3.97 -28.82
N GLU A 139 -7.88 4.26 -28.08
CA GLU A 139 -6.66 3.48 -28.11
C GLU A 139 -6.49 2.71 -26.81
N LEU A 140 -6.03 1.47 -26.93
CA LEU A 140 -5.70 0.69 -25.75
C LEU A 140 -4.34 1.13 -25.19
N GLU A 141 -4.22 1.08 -23.88
CA GLU A 141 -2.91 1.23 -23.25
C GLU A 141 -2.92 0.63 -21.87
N ILE A 142 -1.73 0.26 -21.41
CA ILE A 142 -1.53 -0.31 -20.08
C ILE A 142 -1.04 0.80 -19.18
N THR A 143 -1.58 0.87 -17.97
CA THR A 143 -1.07 1.80 -16.97
C THR A 143 -1.27 1.19 -15.58
N SER A 144 -0.78 1.89 -14.56
CA SER A 144 -1.00 1.55 -13.17
C SER A 144 -1.23 2.82 -12.38
N THR A 145 -2.05 2.73 -11.34
CA THR A 145 -2.34 3.87 -10.48
C THR A 145 -2.03 3.55 -9.02
N PRO A 146 -1.71 4.56 -8.22
CA PRO A 146 -1.46 4.31 -6.80
C PRO A 146 -2.75 4.23 -5.99
N ASN A 147 -2.67 3.48 -4.89
CA ASN A 147 -3.75 3.43 -3.90
C ASN A 147 -5.08 3.11 -4.59
N GLN A 148 -6.07 3.98 -4.44
CA GLN A 148 -7.37 3.75 -5.06
C GLN A 148 -7.66 4.73 -6.19
N ASP A 149 -6.62 5.37 -6.75
CA ASP A 149 -6.84 6.31 -7.85
C ASP A 149 -7.40 5.57 -9.06
N SER A 150 -8.48 6.11 -9.61
CA SER A 150 -9.12 5.53 -10.78
C SER A 150 -8.61 6.18 -12.06
N PRO A 151 -8.38 5.42 -13.14
CA PRO A 151 -8.01 6.06 -14.40
C PRO A 151 -9.09 6.98 -14.95
N ILE A 152 -10.31 6.93 -14.41
CA ILE A 152 -11.34 7.85 -14.87
C ILE A 152 -10.97 9.29 -14.56
N MET A 153 -10.19 9.51 -13.51
CA MET A 153 -9.75 10.86 -13.19
C MET A 153 -8.91 11.47 -14.30
N GLU A 154 -8.18 10.62 -15.05
CA GLU A 154 -7.35 11.08 -16.14
C GLU A 154 -8.07 11.02 -17.48
N GLY A 155 -9.39 10.83 -17.48
CA GLY A 155 -10.12 10.72 -18.73
C GLY A 155 -9.97 9.40 -19.46
N LYS A 156 -9.55 8.35 -18.76
CA LYS A 156 -9.35 7.02 -19.33
C LYS A 156 -10.47 6.10 -18.85
N THR A 157 -10.86 5.16 -19.72
CA THR A 157 -11.93 4.24 -19.39
C THR A 157 -11.32 2.87 -19.07
N PRO A 158 -11.40 2.39 -17.83
CA PRO A 158 -10.83 1.06 -17.54
C PRO A 158 -11.75 -0.05 -18.02
N ILE A 159 -11.14 -1.06 -18.64
CA ILE A 159 -11.85 -2.26 -19.06
C ILE A 159 -11.31 -3.53 -18.39
N LEU A 160 -10.18 -3.45 -17.71
CA LEU A 160 -9.60 -4.59 -17.02
C LEU A 160 -8.62 -4.04 -15.99
N GLY A 161 -8.75 -4.51 -14.75
CA GLY A 161 -7.86 -4.06 -13.70
C GLY A 161 -7.50 -5.20 -12.78
N LEU A 162 -6.33 -5.09 -12.15
CA LEU A 162 -5.83 -6.08 -11.21
C LEU A 162 -5.44 -5.37 -9.91
N ASP A 163 -6.16 -5.69 -8.83
CA ASP A 163 -5.86 -5.13 -7.51
C ASP A 163 -4.56 -5.72 -6.99
N VAL A 164 -3.57 -4.87 -6.74
CA VAL A 164 -2.31 -5.33 -6.17
C VAL A 164 -2.04 -4.70 -4.80
N TRP A 165 -3.09 -4.18 -4.15
CA TRP A 165 -3.02 -3.98 -2.70
C TRP A 165 -2.67 -5.31 -2.06
N GLU A 166 -1.88 -5.28 -0.98
CA GLU A 166 -1.47 -6.53 -0.37
C GLU A 166 -2.67 -7.33 0.16
N HIS A 167 -3.78 -6.65 0.50
CA HIS A 167 -4.94 -7.38 1.02
C HIS A 167 -5.58 -8.28 -0.03
N ALA A 168 -5.31 -8.03 -1.31
CA ALA A 168 -5.87 -8.85 -2.38
C ALA A 168 -5.18 -10.20 -2.51
N TYR A 169 -4.01 -10.40 -1.90
CA TYR A 169 -3.28 -11.64 -2.09
C TYR A 169 -2.46 -12.13 -0.91
N TYR A 170 -2.48 -11.45 0.23
CA TYR A 170 -1.52 -11.80 1.27
C TYR A 170 -1.88 -13.11 1.95
N LEU A 171 -3.18 -13.33 2.22
CA LEU A 171 -3.56 -14.51 2.99
C LEU A 171 -3.04 -15.79 2.34
N LYS A 172 -3.08 -15.85 1.02
CA LYS A 172 -2.66 -17.04 0.27
C LYS A 172 -1.24 -16.94 -0.26
N TYR A 173 -0.83 -15.79 -0.76
CA TYR A 173 0.46 -15.65 -1.44
C TYR A 173 1.52 -14.91 -0.63
N GLN A 174 1.13 -14.21 0.44
CA GLN A 174 2.04 -13.40 1.26
C GLN A 174 2.80 -12.48 0.32
N ASN A 175 4.14 -12.47 0.36
CA ASN A 175 4.91 -11.53 -0.44
C ASN A 175 5.00 -11.89 -1.91
N ARG A 176 4.49 -13.05 -2.31
CA ARG A 176 4.73 -13.58 -3.66
C ARG A 176 3.67 -13.04 -4.63
N ARG A 177 3.72 -11.72 -4.83
CA ARG A 177 2.79 -11.09 -5.76
C ARG A 177 2.88 -11.67 -7.17
N PRO A 178 4.06 -12.00 -7.70
CA PRO A 178 4.11 -12.48 -9.10
C PRO A 178 3.25 -13.71 -9.37
N GLU A 179 3.13 -14.64 -8.41
CA GLU A 179 2.31 -15.81 -8.68
C GLU A 179 0.83 -15.56 -8.44
N TYR A 180 0.50 -14.51 -7.69
CA TYR A 180 -0.88 -14.02 -7.69
C TYR A 180 -1.23 -13.44 -9.06
N ILE A 181 -0.29 -12.72 -9.67
CA ILE A 181 -0.52 -12.18 -11.01
C ILE A 181 -0.67 -13.31 -12.01
N ALA A 182 0.20 -14.33 -11.92
CA ALA A 182 0.07 -15.50 -12.78
C ALA A 182 -1.27 -16.19 -12.59
N ALA A 183 -1.70 -16.36 -11.34
CA ALA A 183 -2.98 -17.01 -11.09
C ALA A 183 -4.15 -16.21 -11.63
N PHE A 184 -4.02 -14.88 -11.70
CA PHE A 184 -5.12 -14.01 -12.10
C PHE A 184 -5.61 -14.33 -13.52
N TRP A 185 -4.70 -14.73 -14.42
CA TRP A 185 -5.07 -14.94 -15.81
C TRP A 185 -6.00 -16.12 -16.00
N ASN A 186 -6.08 -17.03 -15.05
CA ASN A 186 -6.95 -18.20 -15.17
C ASN A 186 -8.41 -17.90 -14.84
N VAL A 187 -8.74 -16.70 -14.38
CA VAL A 187 -10.13 -16.38 -14.02
C VAL A 187 -10.58 -15.06 -14.61
N VAL A 188 -9.86 -14.57 -15.63
CA VAL A 188 -10.27 -13.34 -16.29
C VAL A 188 -11.51 -13.64 -17.14
N ASN A 189 -12.54 -12.81 -16.98
CA ASN A 189 -13.76 -12.94 -17.78
C ASN A 189 -13.59 -12.07 -19.02
N TRP A 190 -13.09 -12.68 -20.09
CA TRP A 190 -12.79 -11.92 -21.31
C TRP A 190 -14.04 -11.46 -22.01
N ASP A 191 -15.16 -12.18 -21.85
CA ASP A 191 -16.42 -11.72 -22.45
C ASP A 191 -16.83 -10.37 -21.85
N GLU A 192 -16.66 -10.22 -20.53
CA GLU A 192 -16.97 -8.94 -19.88
C GLU A 192 -16.02 -7.85 -20.37
N VAL A 193 -14.72 -8.17 -20.47
CA VAL A 193 -13.77 -7.18 -20.97
C VAL A 193 -14.16 -6.72 -22.36
N ALA A 194 -14.58 -7.64 -23.22
CA ALA A 194 -14.97 -7.29 -24.57
C ALA A 194 -16.20 -6.39 -24.56
N LYS A 195 -17.20 -6.74 -23.73
CA LYS A 195 -18.38 -5.89 -23.59
C LYS A 195 -17.98 -4.48 -23.21
N ARG A 196 -17.09 -4.34 -22.23
CA ARG A 196 -16.66 -3.02 -21.78
C ARG A 196 -15.84 -2.31 -22.86
N TYR A 197 -15.06 -3.05 -23.65
CA TYR A 197 -14.33 -2.44 -24.74
C TYR A 197 -15.29 -1.95 -25.83
N SER A 198 -16.24 -2.81 -26.22
CA SER A 198 -17.24 -2.42 -27.20
C SER A 198 -17.95 -1.13 -26.78
N GLU A 199 -18.19 -0.98 -25.48
CA GLU A 199 -18.93 0.18 -24.98
C GLU A 199 -18.05 1.42 -24.85
N ALA A 200 -16.75 1.23 -24.57
CA ALA A 200 -15.86 2.37 -24.36
C ALA A 200 -15.41 3.02 -25.66
N LYS A 201 -15.34 2.20 -26.72
CA LYS A 201 -15.08 2.70 -28.07
C LYS A 201 -15.99 3.86 -28.50
N ALA A 202 -17.25 3.85 -28.12
CA ALA A 202 -18.26 4.82 -28.47
C ALA A 202 -18.01 6.06 -27.65
N PRO B 1 28.89 -4.08 1.54
CA PRO B 1 27.46 -3.98 1.18
C PRO B 1 26.55 -4.09 2.40
N PHE B 2 25.30 -3.67 2.23
CA PHE B 2 24.33 -3.74 3.31
C PHE B 2 23.91 -5.18 3.56
N GLU B 3 23.59 -5.48 4.82
CA GLU B 3 23.19 -6.83 5.21
C GLU B 3 21.92 -6.78 6.05
N LEU B 4 21.17 -7.87 6.01
CA LEU B 4 19.96 -8.02 6.78
C LEU B 4 20.32 -8.15 8.24
N PRO B 5 19.85 -7.26 9.12
CA PRO B 5 20.22 -7.37 10.54
C PRO B 5 19.54 -8.56 11.21
N ALA B 6 20.20 -9.07 12.23
CA ALA B 6 19.61 -10.08 13.10
C ALA B 6 18.62 -9.44 14.07
N LEU B 7 17.54 -10.16 14.37
CA LEU B 7 16.60 -9.67 15.37
C LEU B 7 17.12 -9.98 16.77
N PRO B 8 16.99 -9.04 17.71
CA PRO B 8 17.46 -9.30 19.08
C PRO B 8 16.51 -10.14 19.93
N TYR B 9 15.54 -10.81 19.32
CA TYR B 9 14.58 -11.63 20.05
C TYR B 9 14.06 -12.68 19.09
N PRO B 10 13.53 -13.79 19.62
CA PRO B 10 12.90 -14.79 18.74
C PRO B 10 11.66 -14.22 18.08
N TYR B 11 11.29 -14.83 16.94
CA TYR B 11 10.05 -14.46 16.27
C TYR B 11 8.83 -14.66 17.17
N ASP B 12 8.95 -15.46 18.23
CA ASP B 12 7.88 -15.75 19.16
C ASP B 12 7.61 -14.64 20.16
N ALA B 13 8.49 -13.63 20.24
CA ALA B 13 8.64 -12.85 21.46
C ALA B 13 7.55 -11.80 21.65
N LEU B 14 6.91 -11.35 20.58
CA LEU B 14 5.95 -10.26 20.67
C LEU B 14 4.50 -10.76 20.72
N GLU B 15 4.30 -12.06 20.84
CA GLU B 15 2.95 -12.59 20.98
C GLU B 15 2.34 -12.10 22.30
N PRO B 16 1.01 -11.91 22.36
CA PRO B 16 0.03 -12.12 21.29
C PRO B 16 -0.22 -10.88 20.45
N HIS B 17 0.63 -9.87 20.60
CA HIS B 17 0.39 -8.60 19.92
C HIS B 17 0.78 -8.66 18.45
N ILE B 18 1.91 -9.29 18.12
CA ILE B 18 2.30 -9.53 16.75
C ILE B 18 2.63 -11.02 16.60
N ASP B 19 2.02 -11.67 15.60
CA ASP B 19 2.18 -13.11 15.44
C ASP B 19 3.57 -13.45 14.95
N LYS B 20 4.05 -14.63 15.36
CA LYS B 20 5.40 -15.06 14.98
C LYS B 20 5.48 -15.25 13.46
N GLU B 21 4.41 -15.74 12.84
CA GLU B 21 4.42 -15.94 11.39
C GLU B 21 4.76 -14.65 10.68
N THR B 22 4.03 -13.57 10.99
CA THR B 22 4.29 -12.27 10.38
C THR B 22 5.71 -11.80 10.63
N MET B 23 6.16 -11.88 11.89
CA MET B 23 7.52 -11.45 12.21
C MET B 23 8.54 -12.17 11.34
N ASN B 24 8.37 -13.50 11.20
CA ASN B 24 9.29 -14.29 10.39
C ASN B 24 9.28 -13.85 8.93
N ILE B 25 8.08 -13.73 8.33
CA ILE B 25 7.99 -13.35 6.93
C ILE B 25 8.43 -11.91 6.73
N HIS B 26 8.00 -11.01 7.61
CA HIS B 26 8.34 -9.59 7.48
C HIS B 26 9.86 -9.42 7.43
N HIS B 27 10.58 -10.23 8.20
CA HIS B 27 12.02 -10.07 8.34
C HIS B 27 12.77 -10.74 7.19
N THR B 28 12.56 -12.05 6.99
CA THR B 28 13.38 -12.84 6.08
C THR B 28 12.97 -12.70 4.62
N LYS B 29 11.80 -12.17 4.33
CA LYS B 29 11.36 -12.02 2.95
C LYS B 29 11.14 -10.57 2.55
N HIS B 30 10.32 -9.82 3.28
CA HIS B 30 10.10 -8.42 2.90
C HIS B 30 11.36 -7.59 3.10
N HIS B 31 11.86 -7.53 4.34
CA HIS B 31 13.05 -6.74 4.60
C HIS B 31 14.24 -7.23 3.79
N ASN B 32 14.46 -8.55 3.76
CA ASN B 32 15.58 -9.09 2.98
C ASN B 32 15.51 -8.65 1.52
N THR B 33 14.32 -8.67 0.93
CA THR B 33 14.19 -8.23 -0.45
C THR B 33 14.65 -6.79 -0.64
N TYR B 34 14.33 -5.90 0.31
CA TYR B 34 14.81 -4.53 0.24
C TYR B 34 16.35 -4.47 0.27
N VAL B 35 16.98 -5.28 1.11
CA VAL B 35 18.43 -5.24 1.22
C VAL B 35 19.09 -5.72 -0.07
N THR B 36 18.62 -6.85 -0.61
CA THR B 36 19.25 -7.38 -1.82
C THR B 36 19.05 -6.44 -2.99
N ASN B 37 17.87 -5.83 -3.10
CA ASN B 37 17.59 -4.91 -4.21
C ASN B 37 18.35 -3.60 -4.04
N LEU B 38 18.64 -3.19 -2.80
CA LEU B 38 19.51 -2.04 -2.57
C LEU B 38 20.94 -2.34 -3.03
N ASN B 39 21.49 -3.48 -2.62
CA ASN B 39 22.84 -3.86 -3.04
C ASN B 39 22.93 -4.03 -4.55
N ALA B 40 21.86 -4.53 -5.18
CA ALA B 40 21.89 -4.75 -6.63
C ALA B 40 21.89 -3.43 -7.40
N ALA B 41 21.15 -2.44 -6.91
CA ALA B 41 21.14 -1.14 -7.57
C ALA B 41 22.50 -0.44 -7.47
N LEU B 42 23.27 -0.73 -6.42
CA LEU B 42 24.55 -0.05 -6.22
C LEU B 42 25.69 -0.73 -6.96
N GLU B 43 25.48 -1.95 -7.48
CA GLU B 43 26.55 -2.63 -8.20
C GLU B 43 26.89 -1.87 -9.48
N GLY B 44 28.17 -1.75 -9.76
CA GLY B 44 28.63 -0.94 -10.86
C GLY B 44 28.88 0.52 -10.49
N HIS B 45 28.52 0.92 -9.28
CA HIS B 45 28.74 2.28 -8.78
C HIS B 45 29.60 2.22 -7.53
N PRO B 46 30.89 1.88 -7.67
CA PRO B 46 31.75 1.78 -6.49
C PRO B 46 31.87 3.10 -5.71
N ASP B 47 31.63 4.24 -6.37
CA ASP B 47 31.67 5.52 -5.68
C ASP B 47 30.56 5.63 -4.62
N LEU B 48 29.52 4.83 -4.73
CA LEU B 48 28.39 4.90 -3.81
C LEU B 48 28.42 3.82 -2.73
N GLN B 49 29.41 2.93 -2.76
CA GLN B 49 29.34 1.69 -2.00
C GLN B 49 30.01 1.78 -0.63
N ASN B 50 30.53 2.94 -0.26
CA ASN B 50 30.99 3.15 1.11
C ASN B 50 30.23 4.30 1.79
N LYS B 51 29.11 4.72 1.21
CA LYS B 51 28.31 5.80 1.77
C LYS B 51 27.22 5.20 2.65
N SER B 52 26.97 5.86 3.77
CA SER B 52 25.96 5.37 4.71
C SER B 52 24.56 5.48 4.11
N LEU B 53 23.64 4.70 4.67
CA LEU B 53 22.24 4.81 4.28
C LEU B 53 21.72 6.23 4.52
N GLU B 54 22.16 6.87 5.60
CA GLU B 54 21.74 8.24 5.86
C GLU B 54 22.24 9.18 4.77
N GLU B 55 23.51 9.03 4.37
CA GLU B 55 24.07 9.87 3.32
C GLU B 55 23.37 9.61 1.99
N LEU B 56 23.00 8.35 1.74
CA LEU B 56 22.29 8.02 0.51
C LEU B 56 20.94 8.73 0.45
N LEU B 57 20.14 8.58 1.51
CA LEU B 57 18.77 9.08 1.49
C LEU B 57 18.69 10.59 1.61
N SER B 58 19.75 11.25 2.09
CA SER B 58 19.77 12.70 2.20
C SER B 58 20.13 13.39 0.89
N ASN B 59 20.78 12.68 -0.03
CA ASN B 59 21.23 13.28 -1.29
C ASN B 59 20.82 12.39 -2.46
N LEU B 60 19.54 12.01 -2.49
CA LEU B 60 19.05 11.16 -3.57
C LEU B 60 19.28 11.83 -4.93
N GLU B 61 19.27 13.16 -4.98
CA GLU B 61 19.43 13.88 -6.23
C GLU B 61 20.83 13.72 -6.79
N ALA B 62 21.83 13.53 -5.94
CA ALA B 62 23.19 13.32 -6.42
C ALA B 62 23.37 11.95 -7.05
N LEU B 63 22.51 11.00 -6.75
CA LEU B 63 22.63 9.67 -7.32
C LEU B 63 22.29 9.71 -8.81
N PRO B 64 22.86 8.81 -9.60
CA PRO B 64 22.48 8.74 -11.02
C PRO B 64 20.98 8.53 -11.20
N GLU B 65 20.47 9.00 -12.35
CA GLU B 65 19.04 8.99 -12.56
C GLU B 65 18.45 7.59 -12.58
N SER B 66 19.22 6.61 -13.07
CA SER B 66 18.65 5.30 -13.36
C SER B 66 18.47 4.44 -12.13
N ILE B 67 19.15 4.73 -11.02
CA ILE B 67 19.01 3.97 -9.79
C ILE B 67 18.38 4.79 -8.66
N ARG B 68 18.02 6.04 -8.93
CA ARG B 68 17.51 6.90 -7.87
C ARG B 68 16.27 6.30 -7.23
N THR B 69 15.32 5.83 -8.04
CA THR B 69 14.09 5.27 -7.47
C THR B 69 14.40 3.97 -6.72
N ALA B 70 15.23 3.10 -7.30
CA ALA B 70 15.55 1.86 -6.62
C ALA B 70 16.11 2.11 -5.22
N VAL B 71 16.91 3.19 -5.07
CA VAL B 71 17.55 3.45 -3.78
C VAL B 71 16.55 4.07 -2.82
N ARG B 72 15.73 5.00 -3.30
CA ARG B 72 14.69 5.57 -2.44
C ARG B 72 13.81 4.48 -1.85
N ASN B 73 13.33 3.56 -2.70
CA ASN B 73 12.35 2.57 -2.27
C ASN B 73 12.99 1.46 -1.44
N ASN B 74 14.12 0.93 -1.90
CA ASN B 74 14.73 -0.18 -1.18
C ASN B 74 15.65 0.32 -0.06
N GLY B 75 16.31 1.46 -0.30
CA GLY B 75 17.05 2.10 0.77
C GLY B 75 16.14 2.52 1.89
N GLY B 76 15.00 3.13 1.54
CA GLY B 76 14.02 3.49 2.55
C GLY B 76 13.47 2.28 3.27
N GLY B 77 13.21 1.21 2.53
CA GLY B 77 12.72 0.00 3.16
C GLY B 77 13.71 -0.60 4.14
N HIS B 78 14.99 -0.55 3.79
CA HIS B 78 16.03 -1.07 4.67
C HIS B 78 16.17 -0.22 5.93
N ALA B 79 16.19 1.11 5.76
CA ALA B 79 16.32 1.99 6.90
C ALA B 79 15.12 1.87 7.84
N ASN B 80 13.91 1.80 7.28
CA ASN B 80 12.71 1.82 8.10
C ASN B 80 12.56 0.54 8.91
N HIS B 81 12.68 -0.62 8.27
CA HIS B 81 12.56 -1.88 9.00
C HIS B 81 13.72 -2.08 9.98
N SER B 82 14.91 -1.56 9.67
CA SER B 82 16.02 -1.64 10.60
C SER B 82 15.68 -0.96 11.91
N LEU B 83 15.08 0.24 11.82
CA LEU B 83 14.67 0.94 13.03
C LEU B 83 13.49 0.23 13.70
N PHE B 84 12.59 -0.30 12.89
CA PHE B 84 11.37 -0.93 13.42
C PHE B 84 11.72 -2.06 14.38
N TRP B 85 12.64 -2.94 13.98
CA TRP B 85 12.96 -4.08 14.84
C TRP B 85 13.49 -3.62 16.20
N THR B 86 14.27 -2.54 16.23
CA THR B 86 14.94 -2.13 17.47
C THR B 86 14.00 -1.48 18.48
N ILE B 87 12.85 -0.96 18.04
CA ILE B 87 11.90 -0.32 18.94
C ILE B 87 10.76 -1.26 19.32
N LEU B 88 10.85 -2.54 18.94
CA LEU B 88 9.97 -3.59 19.45
C LEU B 88 10.75 -4.36 20.50
N SER B 89 10.01 -4.84 21.53
CA SER B 89 10.64 -5.63 22.58
C SER B 89 9.63 -6.47 23.33
N PRO B 90 9.95 -7.72 23.70
CA PRO B 90 9.04 -8.47 24.58
C PRO B 90 8.97 -7.89 25.99
N ASN B 91 9.93 -7.06 26.39
CA ASN B 91 9.89 -6.38 27.67
C ASN B 91 9.40 -4.96 27.55
N GLY B 92 8.80 -4.60 26.42
CA GLY B 92 8.37 -3.23 26.17
C GLY B 92 7.03 -2.91 26.78
N GLY B 93 6.35 -1.95 26.18
CA GLY B 93 5.08 -1.47 26.71
C GLY B 93 5.28 -0.41 27.77
N GLY B 94 4.18 -0.10 28.46
CA GLY B 94 4.25 0.89 29.49
C GLY B 94 4.31 2.30 28.93
N GLU B 95 4.97 3.19 29.68
CA GLU B 95 5.11 4.58 29.33
C GLU B 95 6.57 4.99 29.24
N PRO B 96 6.88 6.08 28.55
CA PRO B 96 8.25 6.61 28.57
C PRO B 96 8.63 7.10 29.96
N THR B 97 9.91 7.40 30.13
CA THR B 97 10.43 7.89 31.41
C THR B 97 11.44 9.00 31.18
N GLY B 98 11.57 9.88 32.17
CA GLY B 98 12.65 10.84 32.19
C GLY B 98 12.55 11.85 31.06
N GLU B 99 13.71 12.16 30.47
CA GLU B 99 13.80 13.18 29.44
C GLU B 99 12.70 13.01 28.39
N LEU B 100 12.60 11.80 27.81
CA LEU B 100 11.63 11.57 26.75
C LEU B 100 10.20 11.73 27.25
N ALA B 101 9.95 11.32 28.49
CA ALA B 101 8.62 11.48 29.07
C ALA B 101 8.27 12.96 29.21
N ASP B 102 9.21 13.78 29.68
CA ASP B 102 8.94 15.20 29.82
C ASP B 102 8.74 15.86 28.46
N ALA B 103 9.58 15.53 27.49
CA ALA B 103 9.44 16.12 26.16
C ALA B 103 8.10 15.80 25.54
N ILE B 104 7.56 14.61 25.81
CA ILE B 104 6.26 14.23 25.24
C ILE B 104 5.14 14.93 25.97
N ASN B 105 5.21 15.00 27.30
CA ASN B 105 4.19 15.73 28.06
C ASN B 105 4.18 17.20 27.66
N LYS B 106 5.37 17.79 27.44
CA LYS B 106 5.46 19.20 27.12
C LYS B 106 4.85 19.50 25.75
N LYS B 107 5.15 18.67 24.75
CA LYS B 107 4.76 18.97 23.38
C LYS B 107 3.32 18.54 23.08
N PHE B 108 2.86 17.46 23.68
CA PHE B 108 1.56 16.89 23.35
C PHE B 108 0.56 16.94 24.50
N GLY B 109 0.97 17.43 25.68
CA GLY B 109 0.08 17.51 26.81
C GLY B 109 0.22 16.35 27.76
N SER B 110 0.18 15.13 27.23
CA SER B 110 0.35 13.94 28.04
C SER B 110 0.56 12.74 27.12
N PHE B 111 1.09 11.67 27.70
CA PHE B 111 1.34 10.46 26.91
C PHE B 111 0.07 9.96 26.25
N THR B 112 -1.07 10.12 26.93
CA THR B 112 -2.34 9.71 26.34
C THR B 112 -2.64 10.53 25.08
N ALA B 113 -2.42 11.85 25.15
CA ALA B 113 -2.66 12.71 23.98
C ALA B 113 -1.72 12.36 22.84
N PHE B 114 -0.42 12.15 23.14
CA PHE B 114 0.52 11.75 22.11
C PHE B 114 0.10 10.43 21.48
N LYS B 115 -0.31 9.45 22.31
CA LYS B 115 -0.76 8.18 21.80
C LYS B 115 -1.94 8.36 20.84
N ASP B 116 -2.89 9.22 21.20
CA ASP B 116 -4.10 9.39 20.41
C ASP B 116 -3.77 9.92 19.02
N GLU B 117 -2.91 10.95 18.94
CA GLU B 117 -2.59 11.55 17.65
C GLU B 117 -1.60 10.72 16.87
N PHE B 118 -0.75 9.93 17.54
CA PHE B 118 0.08 8.98 16.81
C PHE B 118 -0.77 7.86 16.23
N SER B 119 -1.78 7.40 16.99
CA SER B 119 -2.66 6.35 16.49
C SER B 119 -3.49 6.84 15.30
N LYS B 120 -3.92 8.09 15.33
CA LYS B 120 -4.72 8.61 14.22
C LYS B 120 -3.85 8.85 13.00
N ALA B 121 -2.62 9.33 13.20
CA ALA B 121 -1.69 9.44 12.08
C ALA B 121 -1.49 8.08 11.42
N ALA B 122 -1.33 7.03 12.21
CA ALA B 122 -1.14 5.70 11.67
C ALA B 122 -2.38 5.21 10.96
N ALA B 123 -3.56 5.49 11.50
CA ALA B 123 -4.80 5.03 10.90
C ALA B 123 -5.16 5.84 9.65
N GLY B 124 -4.78 7.11 9.61
CA GLY B 124 -5.13 7.97 8.50
C GLY B 124 -4.23 7.86 7.29
N ARG B 125 -3.15 7.09 7.37
CA ARG B 125 -2.24 6.94 6.24
C ARG B 125 -2.90 6.00 5.25
N PHE B 126 -3.42 6.57 4.16
CA PHE B 126 -4.12 5.79 3.15
C PHE B 126 -3.12 5.05 2.27
N GLY B 127 -3.36 3.75 2.06
CA GLY B 127 -2.41 2.95 1.33
C GLY B 127 -1.26 2.49 2.21
N SER B 128 -0.12 2.27 1.58
CA SER B 128 1.09 1.82 2.28
C SER B 128 1.85 3.01 2.84
N GLY B 129 2.50 2.81 3.98
CA GLY B 129 3.32 3.85 4.55
C GLY B 129 3.71 3.58 5.99
N TRP B 130 4.10 4.65 6.68
CA TRP B 130 4.65 4.57 8.03
C TRP B 130 4.15 5.75 8.84
N ALA B 131 4.00 5.54 10.14
CA ALA B 131 3.74 6.61 11.10
C ALA B 131 5.01 6.81 11.94
N TRP B 132 5.32 8.07 12.22
CA TRP B 132 6.62 8.42 12.79
C TRP B 132 6.49 9.41 13.93
N LEU B 133 7.30 9.20 14.96
CA LEU B 133 7.71 10.25 15.88
C LEU B 133 9.12 10.64 15.48
N VAL B 134 9.30 11.87 15.03
CA VAL B 134 10.59 12.33 14.53
C VAL B 134 11.03 13.54 15.35
N VAL B 135 12.35 13.77 15.35
CA VAL B 135 12.92 14.99 15.89
C VAL B 135 13.30 15.88 14.72
N ASN B 136 12.80 17.12 14.74
CA ASN B 136 12.99 18.07 13.64
C ASN B 136 13.53 19.36 14.26
N ASN B 137 14.86 19.51 14.23
CA ASN B 137 15.53 20.65 14.86
C ASN B 137 15.23 20.71 16.34
N GLY B 138 15.46 19.59 17.02
CA GLY B 138 15.31 19.51 18.45
C GLY B 138 13.89 19.41 18.96
N GLU B 139 12.90 19.47 18.08
CA GLU B 139 11.49 19.43 18.49
C GLU B 139 10.84 18.14 18.04
N LEU B 140 9.95 17.62 18.87
CA LEU B 140 9.22 16.40 18.54
C LEU B 140 8.00 16.73 17.68
N GLU B 141 7.73 15.87 16.70
CA GLU B 141 6.54 16.01 15.88
C GLU B 141 6.15 14.66 15.32
N ILE B 142 4.84 14.46 15.16
CA ILE B 142 4.29 13.26 14.54
C ILE B 142 4.08 13.52 13.06
N THR B 143 4.43 12.52 12.24
CA THR B 143 4.22 12.61 10.81
C THR B 143 4.01 11.20 10.26
N SER B 144 3.74 11.12 8.95
CA SER B 144 3.63 9.85 8.25
C SER B 144 4.21 10.00 6.84
N THR B 145 4.63 8.89 6.26
CA THR B 145 5.21 8.88 4.93
C THR B 145 4.59 7.76 4.10
N PRO B 146 4.52 7.94 2.79
CA PRO B 146 4.02 6.87 1.92
C PRO B 146 5.07 5.82 1.60
N ASN B 147 4.59 4.60 1.35
CA ASN B 147 5.42 3.52 0.81
C ASN B 147 6.62 3.33 1.73
N GLN B 148 7.85 3.33 1.22
CA GLN B 148 9.04 3.18 2.04
C GLN B 148 9.81 4.49 2.18
N ASP B 149 9.15 5.63 1.98
CA ASP B 149 9.80 6.91 2.18
C ASP B 149 10.20 7.06 3.64
N SER B 150 11.41 7.57 3.85
CA SER B 150 11.97 7.77 5.17
C SER B 150 12.08 9.26 5.46
N PRO B 151 11.66 9.71 6.64
CA PRO B 151 11.79 11.15 6.97
C PRO B 151 13.22 11.66 6.87
N ILE B 152 14.23 10.77 6.81
CA ILE B 152 15.61 11.22 6.62
C ILE B 152 15.75 11.99 5.31
N MET B 153 14.87 11.73 4.35
CA MET B 153 14.92 12.47 3.08
C MET B 153 14.57 13.92 3.27
N GLU B 154 13.72 14.23 4.25
CA GLU B 154 13.32 15.59 4.55
C GLU B 154 14.21 16.25 5.60
N GLY B 155 15.21 15.54 6.11
CA GLY B 155 16.09 16.09 7.13
C GLY B 155 15.63 15.87 8.54
N LYS B 156 14.65 15.01 8.76
CA LYS B 156 14.13 14.71 10.10
C LYS B 156 14.64 13.35 10.55
N THR B 157 14.92 13.22 11.84
CA THR B 157 15.48 12.00 12.38
C THR B 157 14.39 11.18 13.04
N PRO B 158 14.08 9.97 12.55
CA PRO B 158 13.03 9.16 13.20
C PRO B 158 13.58 8.48 14.44
N ILE B 159 12.81 8.56 15.53
CA ILE B 159 13.14 7.84 16.75
C ILE B 159 12.12 6.76 17.08
N LEU B 160 10.94 6.77 16.47
CA LEU B 160 9.93 5.74 16.64
C LEU B 160 9.11 5.70 15.36
N GLY B 161 8.81 4.49 14.89
CA GLY B 161 8.05 4.32 13.68
C GLY B 161 7.13 3.13 13.78
N LEU B 162 6.01 3.22 13.07
CA LEU B 162 5.04 2.13 13.02
C LEU B 162 4.77 1.79 11.56
N ASP B 163 4.99 0.52 11.19
CA ASP B 163 4.75 0.03 9.83
C ASP B 163 3.27 -0.25 9.66
N VAL B 164 2.64 0.42 8.68
CA VAL B 164 1.23 0.18 8.39
C VAL B 164 1.01 -0.29 6.95
N TRP B 165 2.05 -0.83 6.31
CA TRP B 165 1.80 -1.68 5.15
C TRP B 165 0.91 -2.84 5.60
N GLU B 166 0.03 -3.29 4.69
CA GLU B 166 -0.89 -4.36 5.05
C GLU B 166 -0.14 -5.63 5.44
N HIS B 167 1.03 -5.88 4.86
CA HIS B 167 1.78 -7.09 5.23
C HIS B 167 2.21 -7.05 6.69
N ALA B 168 2.20 -5.86 7.30
CA ALA B 168 2.60 -5.78 8.70
C ALA B 168 1.55 -6.32 9.65
N TYR B 169 0.29 -6.48 9.19
CA TYR B 169 -0.76 -6.89 10.12
C TYR B 169 -1.86 -7.75 9.51
N TYR B 170 -1.75 -8.21 8.28
CA TYR B 170 -2.93 -8.78 7.66
C TYR B 170 -3.19 -10.20 8.11
N LEU B 171 -2.13 -10.99 8.34
CA LEU B 171 -2.34 -12.40 8.65
C LEU B 171 -3.13 -12.55 9.94
N LYS B 172 -2.86 -11.69 10.93
CA LYS B 172 -3.55 -11.76 12.21
C LYS B 172 -4.75 -10.83 12.31
N TYR B 173 -4.68 -9.63 11.76
CA TYR B 173 -5.70 -8.63 11.96
C TYR B 173 -6.52 -8.31 10.70
N GLN B 174 -6.07 -8.76 9.52
CA GLN B 174 -6.77 -8.49 8.25
C GLN B 174 -7.04 -6.98 8.16
N ASN B 175 -8.27 -6.55 7.90
CA ASN B 175 -8.55 -5.15 7.65
C ASN B 175 -8.56 -4.29 8.90
N ARG B 176 -8.48 -4.90 10.09
CA ARG B 176 -8.65 -4.16 11.35
C ARG B 176 -7.31 -3.52 11.75
N ARG B 177 -6.90 -2.53 10.96
CA ARG B 177 -5.66 -1.83 11.27
C ARG B 177 -5.69 -1.19 12.66
N PRO B 178 -6.76 -0.51 13.08
CA PRO B 178 -6.73 0.11 14.42
C PRO B 178 -6.49 -0.88 15.54
N GLU B 179 -6.98 -2.12 15.41
CA GLU B 179 -6.70 -3.15 16.41
C GLU B 179 -5.20 -3.43 16.47
N TYR B 180 -4.53 -3.44 15.33
CA TYR B 180 -3.10 -3.64 15.29
C TYR B 180 -2.36 -2.44 15.85
N ILE B 181 -2.84 -1.24 15.56
CA ILE B 181 -2.21 -0.03 16.10
C ILE B 181 -2.27 -0.05 17.62
N ALA B 182 -3.42 -0.46 18.18
CA ALA B 182 -3.57 -0.47 19.63
C ALA B 182 -2.68 -1.50 20.29
N ALA B 183 -2.54 -2.69 19.68
CA ALA B 183 -1.70 -3.72 20.26
C ALA B 183 -0.22 -3.33 20.21
N PHE B 184 0.17 -2.53 19.21
CA PHE B 184 1.57 -2.12 19.06
C PHE B 184 2.11 -1.45 20.32
N TRP B 185 1.27 -0.75 21.06
CA TRP B 185 1.74 -0.02 22.23
C TRP B 185 2.26 -0.92 23.33
N ASN B 186 1.85 -2.19 23.35
CA ASN B 186 2.26 -3.09 24.40
C ASN B 186 3.67 -3.62 24.21
N VAL B 187 4.32 -3.36 23.07
CA VAL B 187 5.63 -3.92 22.80
C VAL B 187 6.64 -2.86 22.42
N VAL B 188 6.33 -1.59 22.67
CA VAL B 188 7.22 -0.51 22.30
C VAL B 188 8.39 -0.47 23.29
N ASN B 189 9.61 -0.51 22.75
CA ASN B 189 10.82 -0.41 23.56
C ASN B 189 11.11 1.07 23.77
N TRP B 190 10.56 1.61 24.86
CA TRP B 190 10.74 3.04 25.14
C TRP B 190 12.18 3.38 25.51
N ASP B 191 12.92 2.42 26.09
CA ASP B 191 14.33 2.68 26.37
C ASP B 191 15.10 2.95 25.09
N GLU B 192 14.85 2.17 24.04
CA GLU B 192 15.51 2.41 22.76
C GLU B 192 15.11 3.78 22.21
N VAL B 193 13.79 4.06 22.19
CA VAL B 193 13.31 5.35 21.72
C VAL B 193 14.00 6.48 22.48
N ALA B 194 14.30 6.25 23.76
CA ALA B 194 14.97 7.28 24.56
C ALA B 194 16.41 7.48 24.10
N LYS B 195 17.15 6.37 23.91
CA LYS B 195 18.52 6.48 23.44
C LYS B 195 18.56 7.19 22.08
N ARG B 196 17.60 6.90 21.22
CA ARG B 196 17.55 7.57 19.91
C ARG B 196 17.23 9.05 20.07
N TYR B 197 16.23 9.38 20.88
CA TYR B 197 15.93 10.78 21.17
C TYR B 197 17.15 11.48 21.76
N SER B 198 17.82 10.84 22.71
CA SER B 198 19.03 11.42 23.30
C SER B 198 20.05 11.79 22.22
N GLU B 199 20.22 10.93 21.22
CA GLU B 199 21.27 11.11 20.23
C GLU B 199 20.86 12.09 19.13
N ALA B 200 19.56 12.16 18.81
CA ALA B 200 19.12 13.12 17.79
C ALA B 200 19.25 14.56 18.27
N LYS B 201 19.17 14.78 19.59
CA LYS B 201 19.32 16.13 20.13
C LYS B 201 20.71 16.71 19.91
N ALA B 202 21.69 15.87 19.59
CA ALA B 202 23.04 16.33 19.29
C ALA B 202 23.11 16.96 17.90
#